data_1JZD
#
_entry.id   1JZD
#
_cell.length_a   68.910
_cell.length_b   68.910
_cell.length_c   230.336
_cell.angle_alpha   90.00
_cell.angle_beta   90.00
_cell.angle_gamma   90.00
#
_symmetry.space_group_name_H-M   'P 41 21 2'
#
loop_
_entity.id
_entity.type
_entity.pdbx_description
1 polymer 'thiol:disulfide interchange protein dsbc'
2 polymer 'thiol:disulfide interchange protein dsbd'
3 water water
#
loop_
_entity_poly.entity_id
_entity_poly.type
_entity_poly.pdbx_seq_one_letter_code
_entity_poly.pdbx_strand_id
1 'polypeptide(L)'
;GAMADDAAIQQTLAKMGIKSSDIQPAPVAGMKTVLTNSGVLYITDDGKHIIQGPMYDVSGTAPVNVTNKMLLKQLNALEK
EMIVYKAPQEKHVITVFTDITCGYSHKLHEQMADYNALGITVRYLAFPRQGLDSDAEKEMKAIWCAKDKNKAFDDVMAGK
SVAPASCDVDIADHYALGVQLGVSGTPAVVLSNGTLVPGYQPPKEMKEFLDEHQKMTSGK
;
A,B
2 'polypeptide(L)'
;GLFDAPGRSQFVPADQAFAFDFQQNQHDLNLTWQIKDGYYLYRKQIRITPEHAKIADVQLPQGVWHEDEFYGKSEIYRDR
LTLPVTINQASAGATLTVTYQGAADAGFCYPPETKTVPLSEVVANNAAPQPV
;
C
#
# COMPACT_ATOMS: atom_id res chain seq x y z
N GLY A 1 -7.44 -34.06 13.00
CA GLY A 1 -6.11 -34.69 12.78
C GLY A 1 -5.00 -33.68 12.96
N ALA A 2 -5.35 -32.40 12.86
CA ALA A 2 -4.42 -31.29 12.99
C ALA A 2 -3.31 -31.52 14.03
N MET A 3 -3.70 -31.52 15.30
CA MET A 3 -2.79 -31.72 16.43
C MET A 3 -1.38 -32.20 16.11
N ALA A 4 -1.26 -33.31 15.40
CA ALA A 4 0.06 -33.84 15.07
C ALA A 4 0.72 -33.14 13.88
N ASP A 5 -0.02 -32.96 12.78
CA ASP A 5 0.54 -32.32 11.59
C ASP A 5 0.90 -30.86 11.78
N ASP A 6 0.09 -30.13 12.54
CA ASP A 6 0.33 -28.72 12.76
C ASP A 6 1.27 -28.40 13.90
N ALA A 7 1.93 -29.41 14.44
CA ALA A 7 2.85 -29.19 15.55
C ALA A 7 3.92 -28.16 15.24
N ALA A 8 4.60 -28.33 14.11
CA ALA A 8 5.67 -27.43 13.70
C ALA A 8 5.19 -25.99 13.48
N ILE A 9 3.98 -25.83 12.97
CA ILE A 9 3.44 -24.49 12.74
C ILE A 9 3.02 -23.88 14.08
N GLN A 10 2.30 -24.64 14.90
CA GLN A 10 1.85 -24.16 16.20
C GLN A 10 3.05 -23.65 17.02
N GLN A 11 4.18 -24.34 16.89
CA GLN A 11 5.38 -23.96 17.62
C GLN A 11 5.94 -22.65 17.10
N THR A 12 5.94 -22.49 15.78
CA THR A 12 6.44 -21.26 15.17
C THR A 12 5.55 -20.10 15.56
N LEU A 13 4.24 -20.33 15.61
CA LEU A 13 3.30 -19.29 15.99
C LEU A 13 3.59 -18.81 17.42
N ALA A 14 3.86 -19.76 18.31
CA ALA A 14 4.17 -19.44 19.70
C ALA A 14 5.48 -18.65 19.75
N LYS A 15 6.45 -19.11 18.98
CA LYS A 15 7.75 -18.45 18.94
C LYS A 15 7.63 -17.00 18.44
N MET A 16 6.68 -16.77 17.54
CA MET A 16 6.45 -15.44 16.98
C MET A 16 5.43 -14.65 17.78
N GLY A 17 4.99 -15.23 18.89
CA GLY A 17 4.02 -14.55 19.73
C GLY A 17 2.63 -14.41 19.13
N ILE A 18 2.33 -15.22 18.12
CA ILE A 18 1.01 -15.16 17.50
C ILE A 18 0.03 -15.90 18.43
N LYS A 19 -0.55 -15.13 19.35
CA LYS A 19 -1.48 -15.61 20.36
C LYS A 19 -2.79 -16.22 19.88
N SER A 20 -3.32 -15.76 18.75
CA SER A 20 -4.60 -16.25 18.26
C SER A 20 -4.59 -16.44 16.76
N SER A 21 -4.94 -17.65 16.31
CA SER A 21 -4.95 -17.94 14.90
C SER A 21 -5.76 -19.18 14.55
N ASP A 22 -5.81 -19.45 13.25
CA ASP A 22 -6.55 -20.59 12.76
C ASP A 22 -5.77 -21.23 11.60
N ILE A 23 -5.12 -22.35 11.88
CA ILE A 23 -4.35 -23.06 10.87
C ILE A 23 -5.31 -23.83 9.98
N GLN A 24 -5.12 -23.68 8.67
CA GLN A 24 -5.96 -24.35 7.69
C GLN A 24 -5.13 -24.88 6.56
N PRO A 25 -5.72 -25.71 5.70
CA PRO A 25 -4.98 -26.26 4.56
C PRO A 25 -4.70 -25.16 3.54
N ALA A 26 -3.66 -25.35 2.74
CA ALA A 26 -3.29 -24.41 1.69
C ALA A 26 -3.18 -25.25 0.42
N PRO A 27 -3.58 -24.68 -0.73
CA PRO A 27 -3.50 -25.43 -1.97
C PRO A 27 -2.10 -25.67 -2.53
N VAL A 28 -1.07 -25.38 -1.75
CA VAL A 28 0.31 -25.59 -2.18
C VAL A 28 0.91 -26.67 -1.30
N ALA A 29 1.62 -27.61 -1.92
CA ALA A 29 2.23 -28.71 -1.19
C ALA A 29 3.32 -28.26 -0.24
N GLY A 30 3.24 -28.75 0.99
CA GLY A 30 4.21 -28.41 2.00
C GLY A 30 3.90 -27.09 2.67
N MET A 31 2.67 -26.60 2.50
CA MET A 31 2.26 -25.33 3.11
C MET A 31 0.88 -25.35 3.70
N LYS A 32 0.65 -24.47 4.67
CA LYS A 32 -0.65 -24.33 5.31
C LYS A 32 -1.04 -22.85 5.35
N THR A 33 -2.33 -22.58 5.52
CA THR A 33 -2.85 -21.22 5.60
C THR A 33 -3.06 -20.92 7.08
N VAL A 34 -2.62 -19.75 7.53
CA VAL A 34 -2.79 -19.34 8.91
C VAL A 34 -3.55 -18.02 8.98
N LEU A 35 -4.81 -18.07 9.41
CA LEU A 35 -5.63 -16.88 9.54
C LEU A 35 -5.45 -16.21 10.90
N THR A 36 -5.08 -14.93 10.88
CA THR A 36 -4.91 -14.13 12.09
C THR A 36 -5.83 -12.92 11.93
N ASN A 37 -6.06 -12.15 12.99
CA ASN A 37 -6.93 -10.99 12.83
C ASN A 37 -6.18 -9.78 12.31
N SER A 38 -4.95 -9.99 11.84
CA SER A 38 -4.17 -8.91 11.27
C SER A 38 -3.80 -9.27 9.83
N GLY A 39 -4.34 -10.39 9.36
CA GLY A 39 -4.05 -10.83 8.01
C GLY A 39 -3.92 -12.34 7.89
N VAL A 40 -3.74 -12.81 6.65
CA VAL A 40 -3.58 -14.24 6.38
C VAL A 40 -2.15 -14.51 5.98
N LEU A 41 -1.58 -15.56 6.55
CA LEU A 41 -0.21 -15.93 6.25
C LEU A 41 -0.15 -17.33 5.71
N TYR A 42 0.96 -17.65 5.06
CA TYR A 42 1.20 -18.98 4.54
C TYR A 42 2.50 -19.43 5.16
N ILE A 43 2.47 -20.62 5.75
CA ILE A 43 3.66 -21.16 6.40
C ILE A 43 3.91 -22.58 5.94
N THR A 44 5.16 -22.88 5.64
CA THR A 44 5.52 -24.23 5.22
C THR A 44 5.22 -25.18 6.39
N ASP A 45 5.09 -26.47 6.10
CA ASP A 45 4.77 -27.46 7.14
C ASP A 45 5.80 -27.59 8.24
N ASP A 46 7.06 -27.36 7.89
CA ASP A 46 8.15 -27.44 8.87
C ASP A 46 8.23 -26.17 9.70
N GLY A 47 7.25 -25.29 9.51
CA GLY A 47 7.20 -24.04 10.26
C GLY A 47 8.41 -23.12 10.12
N LYS A 48 9.20 -23.30 9.07
CA LYS A 48 10.40 -22.47 8.88
C LYS A 48 10.21 -21.20 8.06
N HIS A 49 9.39 -21.28 7.02
CA HIS A 49 9.17 -20.13 6.16
C HIS A 49 7.77 -19.57 6.18
N ILE A 50 7.68 -18.24 6.13
CA ILE A 50 6.41 -17.52 6.13
C ILE A 50 6.34 -16.50 4.99
N ILE A 51 5.17 -16.40 4.39
CA ILE A 51 4.89 -15.46 3.30
C ILE A 51 3.47 -15.00 3.58
N GLN A 52 3.21 -13.70 3.60
CA GLN A 52 1.82 -13.31 3.87
C GLN A 52 0.96 -13.35 2.61
N GLY A 53 -0.35 -13.49 2.82
CA GLY A 53 -1.27 -13.55 1.70
C GLY A 53 -1.34 -12.25 0.93
N PRO A 54 -2.14 -12.20 -0.14
CA PRO A 54 -2.94 -13.34 -0.58
C PRO A 54 -2.22 -14.26 -1.57
N MET A 55 -2.78 -15.45 -1.78
CA MET A 55 -2.20 -16.39 -2.73
C MET A 55 -3.16 -16.44 -3.93
N TYR A 56 -2.63 -16.57 -5.12
CA TYR A 56 -3.48 -16.62 -6.30
C TYR A 56 -3.34 -17.90 -7.09
N ASP A 57 -4.48 -18.38 -7.60
CA ASP A 57 -4.48 -19.54 -8.47
C ASP A 57 -4.39 -18.96 -9.89
N VAL A 58 -3.26 -19.13 -10.55
CA VAL A 58 -3.09 -18.60 -11.90
C VAL A 58 -3.03 -19.70 -12.96
N SER A 59 -3.83 -20.75 -12.76
CA SER A 59 -3.84 -21.86 -13.71
C SER A 59 -4.98 -21.75 -14.71
N GLY A 60 -6.00 -21.00 -14.36
CA GLY A 60 -7.14 -20.84 -15.26
C GLY A 60 -7.03 -19.63 -16.16
N THR A 61 -8.18 -19.06 -16.50
CA THR A 61 -8.25 -17.90 -17.38
C THR A 61 -7.66 -16.68 -16.70
N ALA A 62 -8.39 -16.19 -15.70
CA ALA A 62 -7.96 -15.02 -14.94
C ALA A 62 -7.44 -15.47 -13.59
N PRO A 63 -6.50 -14.71 -13.02
CA PRO A 63 -5.98 -15.10 -11.71
C PRO A 63 -7.12 -15.05 -10.71
N VAL A 64 -7.13 -16.00 -9.78
CA VAL A 64 -8.16 -16.06 -8.75
C VAL A 64 -7.56 -16.07 -7.35
N ASN A 65 -8.07 -15.18 -6.50
CA ASN A 65 -7.59 -15.05 -5.12
C ASN A 65 -8.07 -16.21 -4.25
N VAL A 66 -7.27 -17.25 -4.18
CA VAL A 66 -7.64 -18.43 -3.38
C VAL A 66 -7.78 -18.15 -1.89
N THR A 67 -7.08 -17.12 -1.40
CA THR A 67 -7.18 -16.80 0.02
C THR A 67 -8.59 -16.31 0.34
N ASN A 68 -9.07 -15.33 -0.43
CA ASN A 68 -10.40 -14.79 -0.23
C ASN A 68 -11.51 -15.81 -0.50
N LYS A 69 -11.26 -16.72 -1.43
CA LYS A 69 -12.23 -17.77 -1.76
C LYS A 69 -12.44 -18.64 -0.53
N MET A 70 -11.35 -18.88 0.22
CA MET A 70 -11.41 -19.68 1.43
C MET A 70 -12.15 -18.94 2.54
N LEU A 71 -12.07 -17.61 2.55
CA LEU A 71 -12.75 -16.80 3.57
C LEU A 71 -14.23 -16.62 3.30
N LEU A 72 -14.69 -17.06 2.14
CA LEU A 72 -16.11 -16.95 1.80
C LEU A 72 -16.95 -17.64 2.86
N LYS A 73 -16.36 -18.62 3.54
CA LYS A 73 -17.04 -19.36 4.58
C LYS A 73 -17.39 -18.44 5.77
N GLN A 74 -16.45 -17.58 6.15
CA GLN A 74 -16.69 -16.65 7.26
C GLN A 74 -17.66 -15.58 6.80
N LEU A 75 -17.55 -15.20 5.54
CA LEU A 75 -18.41 -14.18 4.98
C LEU A 75 -19.88 -14.61 4.97
N ASN A 76 -20.16 -15.84 4.54
CA ASN A 76 -21.54 -16.33 4.50
C ASN A 76 -22.14 -16.48 5.90
N ALA A 77 -21.28 -16.73 6.89
CA ALA A 77 -21.74 -16.88 8.28
C ALA A 77 -22.28 -15.57 8.85
N LEU A 78 -21.73 -14.44 8.39
CA LEU A 78 -22.15 -13.13 8.88
C LEU A 78 -23.39 -12.61 8.14
N GLU A 79 -23.95 -13.43 7.28
CA GLU A 79 -25.11 -13.04 6.49
C GLU A 79 -26.30 -12.55 7.29
N LYS A 80 -26.48 -13.06 8.50
CA LYS A 80 -27.60 -12.64 9.33
C LYS A 80 -27.31 -11.20 9.79
N GLU A 81 -26.02 -10.88 9.84
CA GLU A 81 -25.56 -9.57 10.30
C GLU A 81 -25.41 -8.52 9.21
N MET A 82 -25.73 -8.86 7.97
CA MET A 82 -25.58 -7.90 6.88
C MET A 82 -26.79 -7.03 6.71
N ILE A 83 -26.57 -5.77 6.33
CA ILE A 83 -27.69 -4.89 6.07
C ILE A 83 -27.81 -5.00 4.57
N VAL A 84 -28.90 -5.62 4.14
CA VAL A 84 -29.14 -5.90 2.75
C VAL A 84 -30.16 -4.95 2.09
N TYR A 85 -29.89 -4.51 0.86
CA TYR A 85 -30.78 -3.57 0.16
C TYR A 85 -31.30 -4.10 -1.16
N LYS A 86 -32.05 -5.23 -1.16
CA LYS A 86 -32.52 -5.98 -2.42
C LYS A 86 -32.86 -5.29 -3.71
N ALA A 87 -32.42 -5.93 -4.78
CA ALA A 87 -32.70 -5.46 -6.13
C ALA A 87 -33.88 -6.35 -6.52
N PRO A 88 -34.98 -5.73 -6.94
CA PRO A 88 -36.18 -6.48 -7.32
C PRO A 88 -35.84 -7.59 -8.32
N GLN A 89 -35.13 -7.23 -9.39
CA GLN A 89 -34.73 -8.19 -10.42
C GLN A 89 -33.25 -8.47 -10.31
N GLU A 90 -32.86 -9.07 -9.18
CA GLU A 90 -31.48 -9.38 -8.89
C GLU A 90 -30.69 -10.12 -9.98
N LYS A 91 -29.57 -9.52 -10.35
CA LYS A 91 -28.68 -10.07 -11.37
C LYS A 91 -27.30 -10.29 -10.75
N HIS A 92 -27.01 -9.54 -9.68
CA HIS A 92 -25.73 -9.65 -8.97
C HIS A 92 -25.87 -9.35 -7.49
N VAL A 93 -25.02 -9.98 -6.70
CA VAL A 93 -25.01 -9.77 -5.26
C VAL A 93 -23.58 -9.40 -4.85
N ILE A 94 -23.43 -8.23 -4.26
CA ILE A 94 -22.11 -7.83 -3.80
C ILE A 94 -22.15 -7.54 -2.32
N THR A 95 -21.06 -7.91 -1.65
CA THR A 95 -20.95 -7.67 -0.23
C THR A 95 -20.02 -6.47 -0.14
N VAL A 96 -20.46 -5.45 0.58
CA VAL A 96 -19.69 -4.22 0.72
C VAL A 96 -19.26 -3.85 2.15
N PHE A 97 -17.96 -3.69 2.35
CA PHE A 97 -17.47 -3.28 3.65
C PHE A 97 -17.54 -1.75 3.60
N THR A 98 -18.31 -1.16 4.52
CA THR A 98 -18.52 0.29 4.53
C THR A 98 -18.20 0.96 5.87
N ASP A 99 -18.01 2.27 5.82
CA ASP A 99 -17.69 3.09 6.99
C ASP A 99 -18.61 4.30 6.87
N ILE A 100 -19.56 4.44 7.80
CA ILE A 100 -20.52 5.54 7.75
C ILE A 100 -19.91 6.94 7.74
N THR A 101 -18.67 7.07 8.20
CA THR A 101 -18.00 8.37 8.24
C THR A 101 -17.26 8.68 6.95
N CYS A 102 -16.99 7.66 6.15
CA CYS A 102 -16.25 7.85 4.91
C CYS A 102 -17.10 8.55 3.84
N GLY A 103 -16.49 9.48 3.12
CA GLY A 103 -17.23 10.19 2.08
C GLY A 103 -17.50 9.30 0.88
N TYR A 104 -16.67 8.29 0.70
CA TYR A 104 -16.86 7.38 -0.41
C TYR A 104 -18.04 6.45 -0.10
N SER A 105 -18.24 6.15 1.18
CA SER A 105 -19.34 5.30 1.60
C SER A 105 -20.68 6.01 1.40
N HIS A 106 -20.70 7.33 1.63
CA HIS A 106 -21.92 8.11 1.44
C HIS A 106 -22.24 8.16 -0.04
N LYS A 107 -21.24 8.43 -0.87
CA LYS A 107 -21.49 8.50 -2.31
C LYS A 107 -22.14 7.22 -2.80
N LEU A 108 -21.62 6.08 -2.35
CA LEU A 108 -22.14 4.78 -2.74
C LEU A 108 -23.57 4.59 -2.26
N HIS A 109 -23.78 4.72 -0.96
CA HIS A 109 -25.11 4.55 -0.40
C HIS A 109 -26.10 5.52 -1.02
N GLU A 110 -25.62 6.71 -1.32
CA GLU A 110 -26.45 7.75 -1.92
C GLU A 110 -27.08 7.30 -3.23
N GLN A 111 -26.51 6.26 -3.85
CA GLN A 111 -27.03 5.79 -5.14
C GLN A 111 -27.52 4.35 -5.10
N MET A 112 -27.93 3.89 -3.93
CA MET A 112 -28.43 2.53 -3.76
C MET A 112 -29.60 2.23 -4.70
N ALA A 113 -30.49 3.21 -4.86
CA ALA A 113 -31.65 3.03 -5.74
C ALA A 113 -31.21 2.77 -7.17
N ASP A 114 -30.09 3.38 -7.56
CA ASP A 114 -29.58 3.20 -8.92
C ASP A 114 -28.91 1.84 -9.10
N TYR A 115 -28.28 1.33 -8.04
CA TYR A 115 -27.62 0.03 -8.08
C TYR A 115 -28.68 -1.08 -8.07
N ASN A 116 -29.74 -0.89 -7.28
CA ASN A 116 -30.79 -1.89 -7.21
C ASN A 116 -31.53 -1.92 -8.56
N ALA A 117 -31.77 -0.72 -9.09
CA ALA A 117 -32.46 -0.59 -10.37
C ALA A 117 -31.75 -1.42 -11.43
N LEU A 118 -30.43 -1.51 -11.33
CA LEU A 118 -29.65 -2.26 -12.31
C LEU A 118 -29.51 -3.72 -11.90
N GLY A 119 -30.30 -4.12 -10.92
CA GLY A 119 -30.30 -5.50 -10.45
C GLY A 119 -29.16 -5.86 -9.54
N ILE A 120 -28.54 -4.84 -8.95
CA ILE A 120 -27.42 -5.11 -8.07
C ILE A 120 -27.83 -5.14 -6.64
N THR A 121 -27.53 -6.28 -6.06
CA THR A 121 -27.85 -6.49 -4.70
C THR A 121 -26.65 -6.16 -3.80
N VAL A 122 -26.85 -5.25 -2.84
CA VAL A 122 -25.80 -4.84 -1.90
C VAL A 122 -25.98 -5.30 -0.45
N ARG A 123 -24.96 -5.93 0.11
CA ARG A 123 -25.00 -6.40 1.48
C ARG A 123 -23.83 -5.74 2.21
N TYR A 124 -24.17 -4.88 3.17
CA TYR A 124 -23.17 -4.18 3.97
C TYR A 124 -22.68 -4.91 5.19
N LEU A 125 -21.38 -4.77 5.44
CA LEU A 125 -20.72 -5.27 6.64
C LEU A 125 -19.98 -4.01 7.08
N ALA A 126 -19.85 -3.80 8.39
CA ALA A 126 -19.20 -2.60 8.88
C ALA A 126 -17.69 -2.70 8.97
N PHE A 127 -17.00 -1.73 8.39
CA PHE A 127 -15.55 -1.72 8.43
C PHE A 127 -15.06 -0.34 8.87
N PRO A 128 -14.72 -0.21 10.16
CA PRO A 128 -14.23 1.06 10.68
C PRO A 128 -12.76 1.19 10.31
N ARG A 129 -12.45 2.02 9.32
CA ARG A 129 -11.06 2.20 8.91
C ARG A 129 -10.19 2.67 10.07
N GLN A 130 -10.78 3.46 10.97
CA GLN A 130 -10.05 3.97 12.12
C GLN A 130 -9.76 2.87 13.14
N GLY A 131 -10.31 1.68 12.90
CA GLY A 131 -10.06 0.59 13.81
C GLY A 131 -11.15 0.35 14.84
N LEU A 132 -10.91 -0.63 15.70
CA LEU A 132 -11.85 -1.03 16.74
C LEU A 132 -11.91 -0.04 17.91
N ASP A 133 -11.02 0.95 17.88
CA ASP A 133 -10.97 1.98 18.93
C ASP A 133 -11.41 3.31 18.34
N SER A 134 -12.46 3.28 17.52
CA SER A 134 -12.95 4.49 16.88
C SER A 134 -14.42 4.73 17.18
N ASP A 135 -14.89 5.94 16.91
CA ASP A 135 -16.28 6.28 17.12
C ASP A 135 -17.04 5.63 15.98
N ALA A 136 -16.29 5.30 14.94
CA ALA A 136 -16.85 4.64 13.76
C ALA A 136 -17.40 3.30 14.21
N GLU A 137 -16.57 2.53 14.90
CA GLU A 137 -16.99 1.24 15.40
C GLU A 137 -18.19 1.45 16.31
N LYS A 138 -18.21 2.59 17.00
CA LYS A 138 -19.29 2.89 17.92
C LYS A 138 -20.64 3.25 17.32
N GLU A 139 -20.70 4.13 16.33
CA GLU A 139 -22.02 4.45 15.79
C GLU A 139 -22.51 3.49 14.70
N MET A 140 -21.65 2.58 14.26
CA MET A 140 -22.05 1.59 13.25
C MET A 140 -22.72 0.47 14.06
N LYS A 141 -22.26 0.28 15.28
CA LYS A 141 -22.85 -0.73 16.15
C LYS A 141 -24.27 -0.27 16.43
N ALA A 142 -24.45 1.04 16.59
CA ALA A 142 -25.76 1.60 16.87
C ALA A 142 -26.74 1.37 15.71
N ILE A 143 -26.21 1.34 14.49
CA ILE A 143 -27.07 1.12 13.31
C ILE A 143 -27.41 -0.35 13.20
N TRP A 144 -26.39 -1.19 13.36
CA TRP A 144 -26.54 -2.63 13.28
C TRP A 144 -27.36 -3.23 14.41
N CYS A 145 -27.92 -2.37 15.26
CA CYS A 145 -28.73 -2.83 16.39
C CYS A 145 -30.15 -2.27 16.31
N ALA A 146 -30.36 -1.29 15.43
CA ALA A 146 -31.68 -0.70 15.28
C ALA A 146 -32.70 -1.77 14.88
N LYS A 147 -33.97 -1.41 14.95
CA LYS A 147 -35.05 -2.34 14.58
C LYS A 147 -34.98 -2.56 13.07
N ASP A 148 -35.04 -1.47 12.32
CA ASP A 148 -34.96 -1.52 10.86
C ASP A 148 -33.60 -0.95 10.49
N LYS A 149 -32.58 -1.82 10.50
CA LYS A 149 -31.23 -1.42 10.18
C LYS A 149 -31.16 -0.59 8.90
N ASN A 150 -31.89 -1.00 7.87
CA ASN A 150 -31.89 -0.25 6.63
C ASN A 150 -32.36 1.18 6.85
N LYS A 151 -33.31 1.35 7.77
CA LYS A 151 -33.85 2.66 8.11
C LYS A 151 -32.75 3.45 8.83
N ALA A 152 -32.13 2.81 9.81
CA ALA A 152 -31.06 3.42 10.59
C ALA A 152 -29.96 3.90 9.65
N PHE A 153 -29.50 2.99 8.77
CA PHE A 153 -28.45 3.30 7.84
C PHE A 153 -28.87 4.40 6.87
N ASP A 154 -30.15 4.41 6.47
CA ASP A 154 -30.58 5.46 5.56
C ASP A 154 -30.56 6.80 6.27
N ASP A 155 -30.96 6.79 7.54
CA ASP A 155 -30.99 8.01 8.34
C ASP A 155 -29.58 8.58 8.51
N VAL A 156 -28.74 7.89 9.27
CA VAL A 156 -27.37 8.34 9.49
C VAL A 156 -26.77 8.95 8.22
N MET A 157 -26.56 8.12 7.21
CA MET A 157 -26.00 8.59 5.96
C MET A 157 -26.68 9.87 5.48
N ALA A 158 -27.98 9.96 5.73
CA ALA A 158 -28.77 11.13 5.33
C ALA A 158 -28.41 12.38 6.14
N GLY A 159 -28.06 12.19 7.41
CA GLY A 159 -27.70 13.34 8.22
C GLY A 159 -28.33 13.36 9.60
N LYS A 160 -28.49 12.20 10.20
CA LYS A 160 -29.08 12.10 11.53
C LYS A 160 -28.19 11.26 12.43
N SER A 161 -28.77 10.67 13.47
CA SER A 161 -28.02 9.83 14.40
C SER A 161 -28.98 9.24 15.42
N VAL A 162 -28.62 8.09 15.98
CA VAL A 162 -29.47 7.44 16.97
C VAL A 162 -28.68 6.99 18.18
N ALA A 163 -29.20 7.29 19.37
CA ALA A 163 -28.54 6.90 20.60
C ALA A 163 -28.19 5.42 20.51
N PRO A 164 -26.93 5.07 20.78
CA PRO A 164 -26.45 3.69 20.73
C PRO A 164 -27.40 2.69 21.36
N ALA A 165 -27.03 1.41 21.30
CA ALA A 165 -27.84 0.35 21.86
C ALA A 165 -27.17 -1.00 21.62
N SER A 166 -26.16 -1.29 22.43
CA SER A 166 -25.41 -2.54 22.31
C SER A 166 -26.34 -3.73 22.10
N CYS A 167 -25.91 -4.69 21.29
CA CYS A 167 -26.71 -5.87 21.02
C CYS A 167 -25.84 -7.05 20.64
N ASP A 168 -26.50 -8.10 20.16
CA ASP A 168 -25.84 -9.34 19.76
C ASP A 168 -24.70 -9.14 18.75
N VAL A 169 -25.02 -8.46 17.64
CA VAL A 169 -24.05 -8.20 16.58
C VAL A 169 -22.73 -7.64 17.09
N ASP A 170 -21.62 -8.23 16.64
CA ASP A 170 -20.29 -7.79 17.05
C ASP A 170 -19.46 -7.38 15.83
N ILE A 171 -19.20 -6.08 15.70
CA ILE A 171 -18.44 -5.52 14.58
C ILE A 171 -17.01 -6.06 14.46
N ALA A 172 -16.32 -6.21 15.58
CA ALA A 172 -14.94 -6.68 15.58
C ALA A 172 -14.70 -7.89 14.67
N ASP A 173 -15.78 -8.60 14.33
CA ASP A 173 -15.66 -9.77 13.46
C ASP A 173 -15.73 -9.35 11.99
N HIS A 174 -16.49 -8.30 11.71
CA HIS A 174 -16.59 -7.80 10.34
C HIS A 174 -15.22 -7.22 9.99
N TYR A 175 -14.66 -6.46 10.93
CA TYR A 175 -13.36 -5.82 10.73
C TYR A 175 -12.28 -6.85 10.49
N ALA A 176 -12.24 -7.86 11.35
CA ALA A 176 -11.24 -8.91 11.22
C ALA A 176 -11.33 -9.56 9.85
N LEU A 177 -12.55 -9.94 9.46
CA LEU A 177 -12.78 -10.57 8.17
C LEU A 177 -12.24 -9.65 7.09
N GLY A 178 -12.72 -8.40 7.11
CA GLY A 178 -12.30 -7.41 6.13
C GLY A 178 -10.79 -7.30 5.98
N VAL A 179 -10.08 -7.28 7.09
CA VAL A 179 -8.62 -7.19 7.06
C VAL A 179 -8.07 -8.41 6.33
N GLN A 180 -8.62 -9.58 6.65
CA GLN A 180 -8.19 -10.83 6.02
C GLN A 180 -8.46 -10.83 4.51
N LEU A 181 -9.57 -10.24 4.10
CA LEU A 181 -9.90 -10.17 2.69
C LEU A 181 -9.02 -9.16 1.94
N GLY A 182 -8.24 -8.39 2.69
CA GLY A 182 -7.37 -7.42 2.06
C GLY A 182 -7.96 -6.02 2.02
N VAL A 183 -9.03 -5.79 2.78
CA VAL A 183 -9.67 -4.48 2.82
C VAL A 183 -8.83 -3.46 3.60
N SER A 184 -8.61 -2.29 3.01
CA SER A 184 -7.86 -1.20 3.64
C SER A 184 -8.72 0.04 3.60
N GLY A 185 -9.28 0.33 2.43
CA GLY A 185 -10.14 1.48 2.28
C GLY A 185 -11.58 1.06 2.06
N THR A 186 -12.50 1.98 2.32
CA THR A 186 -13.92 1.74 2.15
C THR A 186 -14.44 2.73 1.12
N PRO A 187 -15.47 2.33 0.36
CA PRO A 187 -16.11 1.02 0.47
C PRO A 187 -15.35 -0.05 -0.32
N ALA A 188 -15.25 -1.24 0.26
CA ALA A 188 -14.59 -2.34 -0.42
C ALA A 188 -15.67 -3.31 -0.89
N VAL A 189 -15.68 -3.58 -2.18
CA VAL A 189 -16.66 -4.49 -2.74
C VAL A 189 -16.09 -5.90 -2.87
N VAL A 190 -16.86 -6.88 -2.39
CA VAL A 190 -16.43 -8.27 -2.49
C VAL A 190 -17.40 -9.03 -3.38
N LEU A 191 -16.88 -9.69 -4.40
CA LEU A 191 -17.71 -10.45 -5.33
C LEU A 191 -18.01 -11.85 -4.78
N SER A 192 -18.98 -12.54 -5.39
CA SER A 192 -19.36 -13.87 -4.92
C SER A 192 -18.24 -14.88 -4.89
N ASN A 193 -17.18 -14.65 -5.68
CA ASN A 193 -16.06 -15.57 -5.68
C ASN A 193 -14.93 -15.11 -4.74
N GLY A 194 -15.19 -14.02 -4.00
CA GLY A 194 -14.19 -13.52 -3.07
C GLY A 194 -13.31 -12.41 -3.60
N THR A 195 -13.34 -12.18 -4.91
CA THR A 195 -12.50 -11.13 -5.49
C THR A 195 -12.79 -9.78 -4.86
N LEU A 196 -11.74 -9.15 -4.35
CA LEU A 196 -11.86 -7.84 -3.74
C LEU A 196 -11.69 -6.76 -4.82
N VAL A 197 -12.69 -5.90 -4.96
CA VAL A 197 -12.61 -4.82 -5.93
C VAL A 197 -12.60 -3.57 -5.07
N PRO A 198 -11.40 -3.09 -4.69
CA PRO A 198 -11.33 -1.89 -3.85
C PRO A 198 -11.97 -0.63 -4.41
N GLY A 199 -12.49 0.20 -3.50
CA GLY A 199 -13.08 1.47 -3.88
C GLY A 199 -14.50 1.60 -4.40
N TYR A 200 -14.88 2.86 -4.60
CA TYR A 200 -16.18 3.23 -5.11
C TYR A 200 -16.25 3.04 -6.62
N GLN A 201 -17.44 2.80 -7.13
CA GLN A 201 -17.66 2.62 -8.55
C GLN A 201 -19.13 2.94 -8.83
N PRO A 202 -19.40 3.85 -9.77
CA PRO A 202 -20.77 4.25 -10.13
C PRO A 202 -21.62 3.06 -10.55
N PRO A 203 -22.94 3.12 -10.27
CA PRO A 203 -23.88 2.04 -10.60
C PRO A 203 -23.72 1.50 -12.02
N LYS A 204 -23.71 2.42 -12.99
CA LYS A 204 -23.57 2.07 -14.39
C LYS A 204 -22.27 1.29 -14.61
N GLU A 205 -21.18 1.82 -14.07
CA GLU A 205 -19.87 1.21 -14.18
C GLU A 205 -19.83 -0.12 -13.46
N MET A 206 -20.41 -0.14 -12.27
CA MET A 206 -20.45 -1.35 -11.45
C MET A 206 -21.13 -2.47 -12.20
N LYS A 207 -22.32 -2.20 -12.73
CA LYS A 207 -23.08 -3.22 -13.45
C LYS A 207 -22.28 -3.80 -14.61
N GLU A 208 -21.62 -2.94 -15.38
CA GLU A 208 -20.84 -3.41 -16.51
C GLU A 208 -19.68 -4.27 -16.03
N PHE A 209 -19.04 -3.84 -14.95
CA PHE A 209 -17.93 -4.59 -14.38
C PHE A 209 -18.36 -6.01 -13.99
N LEU A 210 -19.47 -6.11 -13.26
CA LEU A 210 -19.95 -7.40 -12.82
C LEU A 210 -20.33 -8.29 -13.98
N ASP A 211 -21.04 -7.73 -14.97
CA ASP A 211 -21.43 -8.52 -16.13
C ASP A 211 -20.20 -9.03 -16.86
N GLU A 212 -19.16 -8.20 -16.95
CA GLU A 212 -17.92 -8.62 -17.60
C GLU A 212 -17.19 -9.66 -16.76
N HIS A 213 -17.11 -9.40 -15.46
CA HIS A 213 -16.43 -10.31 -14.55
C HIS A 213 -17.11 -11.67 -14.58
N GLN A 214 -18.43 -11.65 -14.67
CA GLN A 214 -19.22 -12.86 -14.71
C GLN A 214 -18.94 -13.64 -15.99
N LYS A 215 -19.06 -12.96 -17.13
CA LYS A 215 -18.81 -13.60 -18.40
C LYS A 215 -17.40 -14.18 -18.47
N MET A 216 -16.41 -13.45 -17.97
CA MET A 216 -15.05 -14.00 -18.04
C MET A 216 -14.84 -15.12 -17.03
N THR A 217 -15.64 -15.11 -15.98
CA THR A 217 -15.54 -16.12 -14.92
C THR A 217 -16.43 -17.35 -15.15
N SER A 218 -17.25 -17.34 -16.20
CA SER A 218 -18.10 -18.49 -16.53
C SER A 218 -18.45 -18.46 -18.03
N GLY A 219 -17.74 -17.58 -18.73
CA GLY A 219 -17.82 -17.37 -20.18
C GLY A 219 -19.04 -17.40 -21.08
N ASP B 5 8.50 -27.80 -17.48
CA ASP B 5 9.57 -27.76 -16.44
C ASP B 5 9.67 -26.33 -15.87
N ASP B 6 9.94 -25.38 -16.75
CA ASP B 6 10.02 -23.97 -16.42
C ASP B 6 9.04 -23.40 -17.44
N ALA B 7 8.75 -24.24 -18.44
CA ALA B 7 7.83 -23.89 -19.51
C ALA B 7 6.48 -23.59 -18.89
N ALA B 8 6.18 -24.25 -17.77
CA ALA B 8 4.91 -24.02 -17.08
C ALA B 8 4.89 -22.65 -16.40
N ILE B 9 6.03 -22.27 -15.81
CA ILE B 9 6.15 -20.99 -15.13
C ILE B 9 6.13 -19.83 -16.11
N GLN B 10 6.93 -19.95 -17.17
CA GLN B 10 6.99 -18.91 -18.17
C GLN B 10 5.65 -18.77 -18.90
N GLN B 11 4.94 -19.87 -19.03
CA GLN B 11 3.64 -19.82 -19.71
C GLN B 11 2.70 -19.02 -18.82
N THR B 12 2.81 -19.22 -17.52
CA THR B 12 1.97 -18.51 -16.57
C THR B 12 2.32 -17.02 -16.53
N LEU B 13 3.61 -16.72 -16.41
CA LEU B 13 4.05 -15.34 -16.34
C LEU B 13 3.65 -14.54 -17.58
N ALA B 14 3.87 -15.13 -18.75
CA ALA B 14 3.56 -14.47 -20.00
C ALA B 14 2.07 -14.15 -20.05
N LYS B 15 1.26 -15.16 -19.76
CA LYS B 15 -0.19 -15.01 -19.78
C LYS B 15 -0.70 -13.98 -18.76
N MET B 16 0.14 -13.57 -17.82
CA MET B 16 -0.28 -12.58 -16.84
C MET B 16 0.35 -11.22 -17.05
N GLY B 17 1.16 -11.09 -18.10
CA GLY B 17 1.81 -9.83 -18.40
C GLY B 17 3.02 -9.57 -17.51
N ILE B 18 3.81 -10.62 -17.30
CA ILE B 18 4.98 -10.54 -16.45
C ILE B 18 6.08 -11.47 -17.00
N LYS B 19 6.16 -11.56 -18.33
CA LYS B 19 7.13 -12.45 -18.98
C LYS B 19 8.63 -12.15 -18.84
N SER B 20 8.99 -10.87 -18.75
CA SER B 20 10.40 -10.49 -18.63
C SER B 20 10.96 -10.68 -17.21
N SER B 21 10.31 -11.54 -16.45
CA SER B 21 10.71 -11.82 -15.08
C SER B 21 11.90 -12.76 -15.01
N ASP B 22 12.78 -12.49 -14.06
CA ASP B 22 13.97 -13.32 -13.86
C ASP B 22 13.59 -14.43 -12.89
N ILE B 23 13.91 -15.67 -13.23
CA ILE B 23 13.57 -16.79 -12.37
C ILE B 23 14.77 -17.32 -11.60
N GLN B 24 14.56 -17.51 -10.30
CA GLN B 24 15.61 -18.03 -9.43
C GLN B 24 15.04 -19.09 -8.47
N PRO B 25 15.93 -19.81 -7.77
CA PRO B 25 15.46 -20.83 -6.83
C PRO B 25 14.86 -20.16 -5.60
N ALA B 26 13.93 -20.86 -4.95
CA ALA B 26 13.31 -20.36 -3.74
C ALA B 26 13.68 -21.33 -2.63
N PRO B 27 13.83 -20.85 -1.40
CA PRO B 27 14.18 -21.74 -0.31
C PRO B 27 13.05 -22.67 0.12
N VAL B 28 11.96 -22.67 -0.64
CA VAL B 28 10.80 -23.52 -0.33
C VAL B 28 10.63 -24.59 -1.41
N ALA B 29 10.39 -25.82 -0.97
CA ALA B 29 10.21 -26.94 -1.89
C ALA B 29 9.07 -26.72 -2.86
N GLY B 30 9.35 -26.90 -4.15
CA GLY B 30 8.31 -26.75 -5.15
C GLY B 30 7.97 -25.34 -5.56
N MET B 31 8.79 -24.37 -5.17
CA MET B 31 8.54 -22.96 -5.53
C MET B 31 9.80 -22.27 -6.06
N LYS B 32 9.59 -21.28 -6.93
CA LYS B 32 10.68 -20.51 -7.51
C LYS B 32 10.50 -19.03 -7.23
N THR B 33 11.61 -18.30 -7.14
CA THR B 33 11.56 -16.87 -6.89
C THR B 33 11.42 -16.16 -8.24
N VAL B 34 10.46 -15.25 -8.34
CA VAL B 34 10.26 -14.52 -9.58
C VAL B 34 10.49 -13.03 -9.38
N LEU B 35 11.53 -12.49 -10.02
CA LEU B 35 11.85 -11.07 -9.91
C LEU B 35 11.18 -10.26 -11.02
N THR B 36 10.39 -9.27 -10.62
CA THR B 36 9.70 -8.41 -11.58
C THR B 36 9.97 -6.96 -11.22
N ASN B 37 9.64 -6.06 -12.14
CA ASN B 37 9.86 -4.63 -11.90
C ASN B 37 8.98 -4.06 -10.80
N SER B 38 7.95 -4.79 -10.41
CA SER B 38 7.06 -4.31 -9.36
C SER B 38 7.24 -5.08 -8.06
N GLY B 39 8.19 -6.00 -8.03
CA GLY B 39 8.40 -6.75 -6.81
C GLY B 39 8.65 -8.24 -7.01
N VAL B 40 9.09 -8.91 -5.96
CA VAL B 40 9.38 -10.34 -6.03
C VAL B 40 8.12 -11.17 -5.77
N LEU B 41 7.97 -12.26 -6.53
CA LEU B 41 6.84 -13.16 -6.37
C LEU B 41 7.35 -14.58 -6.18
N TYR B 42 6.54 -15.45 -5.60
CA TYR B 42 6.94 -16.84 -5.46
C TYR B 42 5.88 -17.62 -6.21
N ILE B 43 6.32 -18.51 -7.09
CA ILE B 43 5.41 -19.30 -7.89
C ILE B 43 5.78 -20.78 -7.80
N THR B 44 4.78 -21.64 -7.84
CA THR B 44 5.05 -23.07 -7.76
C THR B 44 5.66 -23.56 -9.07
N ASP B 45 6.45 -24.63 -8.97
CA ASP B 45 7.11 -25.21 -10.14
C ASP B 45 6.18 -25.64 -11.26
N ASP B 46 4.90 -25.78 -10.96
CA ASP B 46 3.92 -26.15 -11.96
C ASP B 46 3.21 -24.90 -12.50
N GLY B 47 3.68 -23.73 -12.05
CA GLY B 47 3.12 -22.46 -12.47
C GLY B 47 1.66 -22.23 -12.18
N LYS B 48 1.11 -22.93 -11.20
CA LYS B 48 -0.31 -22.80 -10.87
C LYS B 48 -0.64 -21.83 -9.73
N HIS B 49 0.31 -21.59 -8.84
CA HIS B 49 0.04 -20.66 -7.74
C HIS B 49 1.13 -19.64 -7.58
N ILE B 50 0.74 -18.44 -7.17
CA ILE B 50 1.72 -17.37 -6.93
C ILE B 50 1.39 -16.68 -5.64
N ILE B 51 2.43 -16.27 -4.93
CA ILE B 51 2.27 -15.54 -3.68
C ILE B 51 3.26 -14.39 -3.76
N GLN B 52 2.81 -13.18 -3.46
CA GLN B 52 3.69 -12.02 -3.50
C GLN B 52 4.57 -12.01 -2.25
N GLY B 53 5.84 -11.71 -2.43
CA GLY B 53 6.75 -11.68 -1.30
C GLY B 53 6.48 -10.47 -0.40
N PRO B 54 7.34 -10.23 0.60
CA PRO B 54 8.53 -11.04 0.87
C PRO B 54 8.30 -12.35 1.63
N MET B 55 9.36 -13.14 1.71
CA MET B 55 9.35 -14.42 2.42
C MET B 55 10.28 -14.35 3.62
N TYR B 56 9.83 -14.87 4.76
CA TYR B 56 10.67 -14.86 5.94
C TYR B 56 11.06 -16.26 6.42
N ASP B 57 12.30 -16.37 6.88
CA ASP B 57 12.84 -17.61 7.43
C ASP B 57 12.78 -17.37 8.94
N VAL B 58 11.85 -18.02 9.62
CA VAL B 58 11.71 -17.82 11.05
C VAL B 58 12.29 -18.95 11.91
N SER B 59 13.16 -19.77 11.31
CA SER B 59 13.76 -20.88 12.04
C SER B 59 14.81 -20.37 13.02
N GLY B 60 15.66 -19.47 12.57
CA GLY B 60 16.70 -18.91 13.42
C GLY B 60 16.16 -18.15 14.62
N THR B 61 17.06 -17.48 15.32
CA THR B 61 16.71 -16.70 16.51
C THR B 61 15.71 -15.61 16.17
N ALA B 62 16.09 -14.77 15.20
CA ALA B 62 15.24 -13.67 14.75
C ALA B 62 14.88 -13.93 13.30
N PRO B 63 13.63 -13.62 12.91
CA PRO B 63 13.15 -13.82 11.54
C PRO B 63 13.95 -13.02 10.52
N VAL B 64 14.38 -13.68 9.46
CA VAL B 64 15.15 -13.01 8.42
C VAL B 64 14.37 -12.92 7.10
N ASN B 65 14.59 -11.82 6.39
CA ASN B 65 13.93 -11.59 5.13
C ASN B 65 14.77 -12.25 4.03
N VAL B 66 14.45 -13.50 3.71
CA VAL B 66 15.19 -14.23 2.68
C VAL B 66 15.02 -13.61 1.30
N THR B 67 13.95 -12.86 1.12
CA THR B 67 13.73 -12.20 -0.15
C THR B 67 14.82 -11.15 -0.37
N ASN B 68 15.04 -10.31 0.63
CA ASN B 68 16.06 -9.28 0.53
C ASN B 68 17.47 -9.87 0.55
N LYS B 69 17.63 -11.01 1.22
CA LYS B 69 18.93 -11.68 1.29
C LYS B 69 19.27 -12.09 -0.13
N MET B 70 18.36 -12.84 -0.74
CA MET B 70 18.54 -13.31 -2.11
C MET B 70 18.84 -12.14 -3.06
N LEU B 71 18.21 -11.01 -2.82
CA LEU B 71 18.40 -9.83 -3.65
C LEU B 71 19.79 -9.19 -3.54
N LEU B 72 20.62 -9.67 -2.61
CA LEU B 72 21.96 -9.11 -2.46
C LEU B 72 22.81 -9.29 -3.70
N LYS B 73 22.54 -10.35 -4.46
CA LYS B 73 23.30 -10.57 -5.67
C LYS B 73 22.90 -9.48 -6.68
N GLN B 74 21.61 -9.17 -6.73
CA GLN B 74 21.12 -8.14 -7.64
C GLN B 74 21.80 -6.83 -7.27
N LEU B 75 21.93 -6.60 -5.97
CA LEU B 75 22.55 -5.40 -5.44
C LEU B 75 24.03 -5.35 -5.81
N ASN B 76 24.71 -6.48 -5.65
CA ASN B 76 26.13 -6.58 -5.96
C ASN B 76 26.41 -6.42 -7.46
N ALA B 77 25.43 -6.76 -8.28
CA ALA B 77 25.59 -6.63 -9.73
C ALA B 77 25.59 -5.16 -10.15
N LEU B 78 25.07 -4.28 -9.30
CA LEU B 78 25.01 -2.87 -9.64
C LEU B 78 26.08 -2.04 -8.95
N GLU B 79 26.98 -2.72 -8.25
CA GLU B 79 28.07 -2.08 -7.55
C GLU B 79 28.84 -1.09 -8.45
N LYS B 80 28.96 -1.43 -9.73
CA LYS B 80 29.68 -0.61 -10.70
C LYS B 80 28.96 0.71 -11.01
N GLU B 81 27.63 0.70 -10.87
CA GLU B 81 26.81 1.88 -11.14
C GLU B 81 26.58 2.76 -9.92
N MET B 82 27.01 2.29 -8.76
CA MET B 82 26.83 3.04 -7.53
C MET B 82 27.76 4.24 -7.45
N ILE B 83 27.27 5.33 -6.88
CA ILE B 83 28.10 6.51 -6.66
C ILE B 83 28.56 6.32 -5.21
N VAL B 84 29.81 5.91 -5.06
CA VAL B 84 30.41 5.61 -3.76
C VAL B 84 31.15 6.76 -3.11
N TYR B 85 30.87 6.96 -1.83
CA TYR B 85 31.53 7.98 -1.01
C TYR B 85 32.10 7.17 0.14
N LYS B 86 33.29 6.64 -0.10
CA LYS B 86 33.98 5.78 0.85
C LYS B 86 34.57 6.54 2.01
N ALA B 87 34.43 5.97 3.20
CA ALA B 87 34.98 6.61 4.38
C ALA B 87 36.49 6.34 4.41
N PRO B 88 37.28 7.30 4.90
CA PRO B 88 38.74 7.10 4.96
C PRO B 88 39.05 5.77 5.64
N GLN B 89 38.49 5.56 6.82
CA GLN B 89 38.70 4.33 7.59
C GLN B 89 37.37 3.58 7.66
N GLU B 90 37.07 2.86 6.58
CA GLU B 90 35.84 2.10 6.45
C GLU B 90 35.49 1.11 7.56
N LYS B 91 34.51 1.49 8.39
CA LYS B 91 34.04 0.66 9.49
C LYS B 91 32.69 0.05 9.09
N HIS B 92 31.99 0.71 8.18
CA HIS B 92 30.68 0.26 7.72
C HIS B 92 30.38 0.65 6.29
N VAL B 93 29.59 -0.17 5.62
CA VAL B 93 29.19 0.13 4.26
C VAL B 93 27.68 0.01 4.17
N ILE B 94 27.02 1.10 3.79
CA ILE B 94 25.57 1.08 3.63
C ILE B 94 25.23 1.49 2.20
N THR B 95 24.14 0.95 1.67
CA THR B 95 23.70 1.29 0.32
C THR B 95 22.47 2.16 0.48
N VAL B 96 22.48 3.31 -0.17
CA VAL B 96 21.37 4.26 -0.04
C VAL B 96 20.63 4.59 -1.32
N PHE B 97 19.32 4.38 -1.32
CA PHE B 97 18.50 4.73 -2.46
C PHE B 97 18.17 6.18 -2.21
N THR B 98 18.66 7.05 -3.09
CA THR B 98 18.45 8.47 -2.93
C THR B 98 17.65 9.12 -4.07
N ASP B 99 17.08 10.29 -3.78
CA ASP B 99 16.27 11.03 -4.73
C ASP B 99 16.72 12.49 -4.57
N ILE B 100 17.12 13.13 -5.67
CA ILE B 100 17.59 14.52 -5.61
C ILE B 100 16.52 15.58 -5.31
N THR B 101 15.25 15.20 -5.40
CA THR B 101 14.19 16.18 -5.13
C THR B 101 13.59 15.89 -3.76
N CYS B 102 14.35 15.19 -2.93
CA CYS B 102 13.93 14.82 -1.57
C CYS B 102 14.80 15.59 -0.58
N GLY B 103 14.18 16.51 0.15
CA GLY B 103 14.91 17.29 1.11
C GLY B 103 15.75 16.47 2.08
N TYR B 104 15.30 15.28 2.43
CA TYR B 104 16.05 14.47 3.36
C TYR B 104 17.26 13.79 2.74
N SER B 105 17.20 13.53 1.43
CA SER B 105 18.32 12.91 0.71
C SER B 105 19.42 13.98 0.69
N HIS B 106 18.98 15.23 0.59
CA HIS B 106 19.87 16.38 0.59
C HIS B 106 20.52 16.51 1.96
N LYS B 107 19.70 16.45 3.01
CA LYS B 107 20.20 16.58 4.38
C LYS B 107 21.24 15.52 4.64
N LEU B 108 20.96 14.30 4.17
CA LEU B 108 21.89 13.20 4.36
C LEU B 108 23.21 13.48 3.64
N HIS B 109 23.13 13.87 2.37
CA HIS B 109 24.32 14.15 1.58
C HIS B 109 25.14 15.35 2.08
N GLU B 110 24.47 16.36 2.59
CA GLU B 110 25.17 17.53 3.09
C GLU B 110 26.07 17.12 4.25
N GLN B 111 25.78 15.98 4.86
CA GLN B 111 26.56 15.51 5.98
C GLN B 111 27.44 14.31 5.65
N MET B 112 27.70 14.10 4.35
CA MET B 112 28.52 12.98 3.93
C MET B 112 29.88 12.96 4.64
N ALA B 113 30.53 14.12 4.75
CA ALA B 113 31.82 14.20 5.42
C ALA B 113 31.78 13.58 6.81
N ASP B 114 30.66 13.79 7.52
CA ASP B 114 30.49 13.25 8.88
C ASP B 114 30.23 11.75 8.92
N TYR B 115 29.54 11.21 7.92
CA TYR B 115 29.29 9.77 7.89
C TYR B 115 30.64 9.11 7.65
N ASN B 116 31.36 9.64 6.66
CA ASN B 116 32.69 9.16 6.30
C ASN B 116 33.65 9.26 7.50
N ALA B 117 33.60 10.38 8.22
CA ALA B 117 34.49 10.54 9.37
C ALA B 117 34.23 9.49 10.46
N LEU B 118 33.07 8.87 10.44
CA LEU B 118 32.73 7.86 11.43
C LEU B 118 32.93 6.46 10.86
N GLY B 119 33.59 6.39 9.71
CA GLY B 119 33.87 5.10 9.10
C GLY B 119 32.72 4.49 8.32
N ILE B 120 31.74 5.31 7.98
CA ILE B 120 30.59 4.83 7.23
C ILE B 120 30.74 5.18 5.76
N THR B 121 30.79 4.16 4.92
CA THR B 121 30.89 4.37 3.50
C THR B 121 29.47 4.29 2.93
N VAL B 122 29.13 5.24 2.08
CA VAL B 122 27.79 5.28 1.48
C VAL B 122 27.87 5.01 -0.02
N ARG B 123 27.01 4.13 -0.50
CA ARG B 123 26.97 3.83 -1.92
C ARG B 123 25.57 4.19 -2.39
N TYR B 124 25.49 5.11 -3.35
CA TYR B 124 24.20 5.56 -3.83
C TYR B 124 23.63 4.84 -5.04
N LEU B 125 22.32 4.66 -5.01
CA LEU B 125 21.58 4.07 -6.11
C LEU B 125 20.40 5.04 -6.26
N ALA B 126 20.00 5.31 -7.49
CA ALA B 126 18.91 6.24 -7.70
C ALA B 126 17.54 5.66 -7.44
N PHE B 127 16.64 6.48 -6.92
CA PHE B 127 15.27 6.05 -6.66
C PHE B 127 14.36 7.25 -6.67
N PRO B 128 13.95 7.69 -7.87
CA PRO B 128 13.06 8.85 -7.97
C PRO B 128 11.66 8.45 -7.49
N ARG B 129 11.34 8.84 -6.25
CA ARG B 129 10.06 8.50 -5.65
C ARG B 129 8.90 8.95 -6.53
N GLN B 130 9.15 9.95 -7.37
CA GLN B 130 8.13 10.48 -8.27
C GLN B 130 7.96 9.63 -9.53
N GLY B 131 8.77 8.58 -9.68
CA GLY B 131 8.63 7.72 -10.84
C GLY B 131 9.67 7.86 -11.94
N LEU B 132 9.64 6.92 -12.89
CA LEU B 132 10.60 6.93 -14.00
C LEU B 132 10.35 7.90 -15.15
N ASP B 133 9.38 8.79 -15.01
CA ASP B 133 9.09 9.75 -16.07
C ASP B 133 9.21 11.17 -15.55
N SER B 134 9.49 11.30 -14.26
CA SER B 134 9.64 12.58 -13.61
C SER B 134 10.94 13.29 -13.99
N ASP B 135 11.07 14.55 -13.61
CA ASP B 135 12.28 15.29 -13.91
C ASP B 135 13.38 14.72 -13.01
N ALA B 136 12.99 14.21 -11.85
CA ALA B 136 13.93 13.63 -10.90
C ALA B 136 14.73 12.54 -11.60
N GLU B 137 14.03 11.70 -12.36
CA GLU B 137 14.67 10.60 -13.07
C GLU B 137 15.61 11.05 -14.18
N LYS B 138 15.21 12.08 -14.93
CA LYS B 138 16.03 12.59 -16.02
C LYS B 138 17.34 13.14 -15.44
N GLU B 139 17.21 14.04 -14.46
CA GLU B 139 18.36 14.64 -13.80
C GLU B 139 19.32 13.56 -13.29
N MET B 140 18.79 12.62 -12.53
CA MET B 140 19.62 11.55 -11.99
C MET B 140 20.24 10.71 -13.09
N LYS B 141 19.54 10.54 -14.21
CA LYS B 141 20.10 9.78 -15.31
C LYS B 141 21.36 10.56 -15.72
N ALA B 142 21.20 11.87 -15.90
CA ALA B 142 22.29 12.77 -16.29
C ALA B 142 23.46 12.65 -15.32
N ILE B 143 23.18 12.58 -14.03
CA ILE B 143 24.25 12.46 -13.03
C ILE B 143 25.00 11.14 -13.17
N TRP B 144 24.25 10.05 -13.23
CA TRP B 144 24.82 8.72 -13.35
C TRP B 144 25.54 8.45 -14.68
N CYS B 145 25.49 9.41 -15.60
CA CYS B 145 26.16 9.26 -16.90
C CYS B 145 27.42 10.10 -17.00
N ALA B 146 27.62 10.99 -16.05
CA ALA B 146 28.78 11.86 -16.06
C ALA B 146 30.05 11.05 -15.87
N LYS B 147 31.18 11.64 -16.28
CA LYS B 147 32.49 11.01 -16.13
C LYS B 147 32.77 10.87 -14.64
N ASP B 148 32.56 11.97 -13.91
CA ASP B 148 32.79 12.00 -12.47
C ASP B 148 31.43 12.04 -11.75
N LYS B 149 30.84 10.87 -11.53
CA LYS B 149 29.55 10.79 -10.87
C LYS B 149 29.49 11.51 -9.53
N ASN B 150 30.53 11.35 -8.72
CA ASN B 150 30.58 12.00 -7.42
C ASN B 150 30.48 13.54 -7.51
N LYS B 151 31.21 14.15 -8.45
CA LYS B 151 31.16 15.60 -8.57
C LYS B 151 29.82 16.05 -9.16
N ALA B 152 29.28 15.28 -10.10
CA ALA B 152 27.99 15.63 -10.69
C ALA B 152 26.93 15.54 -9.61
N PHE B 153 27.02 14.49 -8.80
CA PHE B 153 26.06 14.31 -7.72
C PHE B 153 26.17 15.47 -6.74
N ASP B 154 27.39 15.85 -6.39
CA ASP B 154 27.62 16.96 -5.47
C ASP B 154 27.06 18.26 -6.03
N ASP B 155 27.36 18.54 -7.28
CA ASP B 155 26.88 19.76 -7.91
C ASP B 155 25.36 19.85 -7.93
N VAL B 156 24.70 18.82 -8.44
CA VAL B 156 23.24 18.82 -8.49
C VAL B 156 22.66 19.00 -7.09
N MET B 157 23.14 18.23 -6.12
CA MET B 157 22.64 18.35 -4.75
C MET B 157 22.85 19.77 -4.23
N ALA B 158 23.92 20.42 -4.67
CA ALA B 158 24.24 21.77 -4.24
C ALA B 158 23.45 22.85 -4.97
N GLY B 159 22.68 22.43 -5.97
CA GLY B 159 21.87 23.39 -6.72
C GLY B 159 22.36 23.64 -8.13
N LYS B 160 23.57 23.20 -8.44
CA LYS B 160 24.12 23.39 -9.77
C LYS B 160 23.51 22.41 -10.77
N SER B 161 23.36 22.85 -12.00
CA SER B 161 22.80 22.00 -13.05
C SER B 161 23.88 21.07 -13.58
N VAL B 162 23.47 20.04 -14.32
CA VAL B 162 24.42 19.10 -14.91
C VAL B 162 24.09 18.87 -16.37
N ALA B 163 25.10 18.51 -17.16
CA ALA B 163 24.93 18.25 -18.59
C ALA B 163 24.27 16.90 -18.81
N PRO B 164 23.07 16.89 -19.44
CA PRO B 164 22.34 15.64 -19.71
C PRO B 164 23.15 14.66 -20.54
N ALA B 165 23.92 13.82 -19.87
CA ALA B 165 24.74 12.83 -20.55
C ALA B 165 23.90 11.58 -20.83
N SER B 166 24.35 10.78 -21.79
CA SER B 166 23.67 9.55 -22.18
C SER B 166 24.62 8.37 -22.01
N CYS B 167 24.19 7.34 -21.30
CA CYS B 167 25.04 6.18 -21.07
C CYS B 167 24.30 4.88 -20.89
N ASP B 168 25.06 3.85 -20.54
CA ASP B 168 24.54 2.50 -20.36
C ASP B 168 23.80 2.28 -19.04
N VAL B 169 23.79 3.30 -18.18
CA VAL B 169 23.11 3.18 -16.89
C VAL B 169 21.60 3.40 -16.94
N ASP B 170 20.85 2.40 -16.50
CA ASP B 170 19.40 2.49 -16.51
C ASP B 170 18.87 2.70 -15.08
N ILE B 171 18.44 3.93 -14.80
CA ILE B 171 17.89 4.28 -13.49
C ILE B 171 16.75 3.32 -13.20
N ALA B 172 16.19 2.76 -14.26
CA ALA B 172 15.08 1.81 -14.16
C ALA B 172 15.54 0.56 -13.41
N ASP B 173 16.80 0.18 -13.59
CA ASP B 173 17.34 -0.98 -12.88
C ASP B 173 17.41 -0.69 -11.38
N HIS B 174 17.82 0.54 -11.04
CA HIS B 174 17.93 0.95 -9.64
C HIS B 174 16.56 0.98 -8.99
N TYR B 175 15.62 1.59 -9.69
CA TYR B 175 14.25 1.73 -9.24
C TYR B 175 13.62 0.37 -8.96
N ALA B 176 13.82 -0.57 -9.88
CA ALA B 176 13.26 -1.91 -9.77
C ALA B 176 13.83 -2.71 -8.61
N LEU B 177 15.14 -2.58 -8.40
CA LEU B 177 15.76 -3.30 -7.30
C LEU B 177 15.17 -2.75 -6.01
N GLY B 178 15.04 -1.43 -5.97
CA GLY B 178 14.48 -0.78 -4.80
C GLY B 178 13.10 -1.30 -4.47
N VAL B 179 12.20 -1.29 -5.45
CA VAL B 179 10.85 -1.79 -5.24
C VAL B 179 10.88 -3.25 -4.80
N GLN B 180 11.83 -4.01 -5.33
CA GLN B 180 11.94 -5.41 -4.95
C GLN B 180 12.32 -5.55 -3.48
N LEU B 181 13.15 -4.63 -2.99
CA LEU B 181 13.59 -4.65 -1.59
C LEU B 181 12.56 -4.03 -0.66
N GLY B 182 11.47 -3.52 -1.22
CA GLY B 182 10.43 -2.90 -0.41
C GLY B 182 10.57 -1.39 -0.24
N VAL B 183 11.34 -0.74 -1.08
CA VAL B 183 11.50 0.70 -0.99
C VAL B 183 10.27 1.42 -1.54
N SER B 184 9.73 2.35 -0.76
CA SER B 184 8.56 3.10 -1.20
C SER B 184 8.86 4.59 -1.08
N GLY B 185 9.62 4.96 -0.05
CA GLY B 185 9.96 6.35 0.11
C GLY B 185 11.47 6.54 0.12
N THR B 186 11.90 7.79 0.17
CA THR B 186 13.31 8.10 0.18
C THR B 186 13.66 8.99 1.37
N PRO B 187 14.89 8.89 1.87
CA PRO B 187 15.92 7.97 1.38
C PRO B 187 15.73 6.65 2.09
N ALA B 188 16.27 5.57 1.54
CA ALA B 188 16.13 4.26 2.16
C ALA B 188 17.50 3.62 2.24
N VAL B 189 17.81 3.05 3.40
CA VAL B 189 19.11 2.42 3.60
C VAL B 189 19.07 0.92 3.51
N VAL B 190 20.02 0.33 2.79
CA VAL B 190 20.07 -1.13 2.70
C VAL B 190 21.36 -1.56 3.40
N LEU B 191 21.22 -2.46 4.36
CA LEU B 191 22.36 -2.94 5.11
C LEU B 191 23.10 -4.05 4.35
N SER B 192 24.31 -4.34 4.79
CA SER B 192 25.16 -5.36 4.17
C SER B 192 24.44 -6.70 3.96
N ASN B 193 23.47 -7.00 4.82
CA ASN B 193 22.73 -8.25 4.73
C ASN B 193 21.40 -8.19 3.97
N GLY B 194 21.05 -7.01 3.46
CA GLY B 194 19.80 -6.88 2.73
C GLY B 194 18.65 -6.23 3.48
N THR B 195 18.79 -6.09 4.80
CA THR B 195 17.77 -5.48 5.64
C THR B 195 17.51 -4.06 5.20
N LEU B 196 16.24 -3.72 4.99
CA LEU B 196 15.86 -2.37 4.57
C LEU B 196 15.55 -1.48 5.76
N VAL B 197 16.25 -0.35 5.87
CA VAL B 197 16.01 0.58 6.95
C VAL B 197 15.64 1.92 6.33
N PRO B 198 14.34 2.13 6.08
CA PRO B 198 13.83 3.37 5.49
C PRO B 198 14.12 4.61 6.33
N GLY B 199 14.36 5.73 5.65
CA GLY B 199 14.58 6.98 6.34
C GLY B 199 16.01 7.44 6.58
N TYR B 200 16.13 8.72 6.88
CA TYR B 200 17.40 9.39 7.17
C TYR B 200 17.74 9.34 8.66
N GLN B 201 19.02 9.20 8.95
CA GLN B 201 19.50 9.18 10.33
C GLN B 201 20.76 10.04 10.37
N PRO B 202 20.87 10.91 11.38
CA PRO B 202 22.07 11.75 11.45
C PRO B 202 23.31 10.85 11.62
N PRO B 203 24.50 11.36 11.29
CA PRO B 203 25.74 10.58 11.41
C PRO B 203 25.84 9.81 12.73
N LYS B 204 25.87 10.52 13.85
CA LYS B 204 25.97 9.89 15.17
C LYS B 204 24.97 8.75 15.40
N GLU B 205 23.69 9.01 15.14
CA GLU B 205 22.67 7.99 15.34
C GLU B 205 22.83 6.82 14.38
N MET B 206 23.22 7.12 13.15
CA MET B 206 23.45 6.07 12.16
C MET B 206 24.64 5.21 12.62
N LYS B 207 25.73 5.87 12.99
CA LYS B 207 26.91 5.16 13.46
C LYS B 207 26.50 4.21 14.56
N GLU B 208 25.89 4.77 15.60
CA GLU B 208 25.43 3.99 16.74
C GLU B 208 24.48 2.87 16.34
N PHE B 209 23.55 3.16 15.43
CA PHE B 209 22.61 2.12 15.00
C PHE B 209 23.35 1.02 14.26
N LEU B 210 24.31 1.39 13.42
CA LEU B 210 25.06 0.39 12.69
C LEU B 210 25.88 -0.49 13.63
N ASP B 211 26.56 0.13 14.60
CA ASP B 211 27.37 -0.64 15.55
C ASP B 211 26.50 -1.67 16.28
N GLU B 212 25.41 -1.20 16.88
CA GLU B 212 24.49 -2.07 17.60
C GLU B 212 23.99 -3.22 16.73
N HIS B 213 23.86 -2.97 15.43
CA HIS B 213 23.38 -3.99 14.51
C HIS B 213 24.42 -5.06 14.21
N GLN B 214 25.69 -4.68 14.26
CA GLN B 214 26.77 -5.63 14.00
C GLN B 214 26.70 -6.73 15.05
N LYS B 215 26.35 -6.32 16.28
CA LYS B 215 26.23 -7.23 17.40
C LYS B 215 24.98 -8.10 17.25
N MET B 216 23.87 -7.47 16.86
CA MET B 216 22.62 -8.20 16.66
C MET B 216 22.84 -9.40 15.75
N THR B 217 23.52 -9.16 14.64
CA THR B 217 23.79 -10.21 13.67
C THR B 217 24.80 -11.23 14.20
N SER B 218 26.05 -10.81 14.35
CA SER B 218 27.10 -11.69 14.86
C SER B 218 26.64 -12.49 16.08
N ARG C 8 14.74 8.43 11.84
CA ARG C 8 14.07 7.40 11.00
C ARG C 8 13.54 6.25 11.87
N SER C 9 12.23 6.24 12.09
CA SER C 9 11.58 5.22 12.92
C SER C 9 10.58 4.39 12.13
N GLN C 10 9.39 4.21 12.71
CA GLN C 10 8.31 3.44 12.10
C GLN C 10 7.48 4.31 11.14
N PHE C 11 7.70 4.12 9.84
CA PHE C 11 6.97 4.87 8.83
C PHE C 11 5.78 4.09 8.27
N VAL C 12 4.59 4.54 8.62
CA VAL C 12 3.36 3.88 8.20
C VAL C 12 3.01 4.16 6.75
N PRO C 13 2.09 3.38 6.18
CA PRO C 13 1.65 3.56 4.80
C PRO C 13 1.10 4.99 4.59
N ALA C 14 1.18 5.49 3.37
CA ALA C 14 0.70 6.83 3.03
C ALA C 14 -0.76 7.07 3.41
N ASP C 15 -1.60 6.06 3.21
CA ASP C 15 -3.00 6.23 3.55
C ASP C 15 -3.27 6.22 5.05
N GLN C 16 -2.29 5.77 5.82
CA GLN C 16 -2.44 5.79 7.26
C GLN C 16 -1.85 7.13 7.75
N ALA C 17 -0.82 7.61 7.08
CA ALA C 17 -0.17 8.87 7.47
C ALA C 17 -0.95 10.09 7.01
N PHE C 18 -1.60 9.96 5.86
CA PHE C 18 -2.40 11.05 5.31
C PHE C 18 -3.76 10.47 4.93
N ALA C 19 -4.64 10.35 5.91
CA ALA C 19 -5.97 9.80 5.70
C ALA C 19 -6.87 10.77 4.92
N PHE C 20 -7.02 10.54 3.63
CA PHE C 20 -7.84 11.39 2.77
C PHE C 20 -9.32 11.06 2.83
N ASP C 21 -10.15 12.08 2.77
CA ASP C 21 -11.60 11.90 2.77
C ASP C 21 -12.20 13.19 2.19
N PHE C 22 -13.50 13.19 1.98
CA PHE C 22 -14.17 14.35 1.44
C PHE C 22 -15.62 14.32 1.85
N GLN C 23 -16.26 15.47 1.74
CA GLN C 23 -17.65 15.56 2.09
C GLN C 23 -18.27 16.62 1.20
N GLN C 24 -19.43 16.30 0.62
CA GLN C 24 -20.09 17.26 -0.25
C GLN C 24 -21.53 17.60 0.14
N ASN C 25 -21.87 18.86 0.00
CA ASN C 25 -23.21 19.37 0.29
C ASN C 25 -23.52 20.36 -0.82
N GLN C 26 -24.06 19.86 -1.93
CA GLN C 26 -24.36 20.73 -3.07
C GLN C 26 -23.08 21.39 -3.57
N HIS C 27 -23.11 22.72 -3.59
CA HIS C 27 -22.00 23.55 -4.04
C HIS C 27 -20.80 23.57 -3.07
N ASP C 28 -21.00 23.08 -1.85
CA ASP C 28 -19.93 23.08 -0.88
C ASP C 28 -19.24 21.73 -0.72
N LEU C 29 -17.96 21.70 -1.03
CA LEU C 29 -17.17 20.49 -0.92
C LEU C 29 -16.01 20.72 0.03
N ASN C 30 -15.64 19.67 0.75
CA ASN C 30 -14.51 19.72 1.67
C ASN C 30 -13.61 18.53 1.46
N LEU C 31 -12.34 18.83 1.15
CA LEU C 31 -11.34 17.79 1.00
C LEU C 31 -10.66 17.80 2.36
N THR C 32 -10.48 16.64 2.96
CA THR C 32 -9.87 16.60 4.26
C THR C 32 -8.77 15.54 4.36
N TRP C 33 -7.83 15.77 5.26
CA TRP C 33 -6.72 14.87 5.48
C TRP C 33 -6.46 14.84 6.99
N GLN C 34 -6.42 13.65 7.58
CA GLN C 34 -6.07 13.59 8.97
C GLN C 34 -4.59 13.22 8.86
N ILE C 35 -3.73 14.12 9.31
CA ILE C 35 -2.30 13.91 9.19
C ILE C 35 -1.66 13.42 10.47
N LYS C 36 -1.23 12.15 10.45
CA LYS C 36 -0.60 11.52 11.62
C LYS C 36 0.53 12.36 12.23
N ASP C 37 0.61 12.32 13.56
CA ASP C 37 1.63 13.05 14.32
C ASP C 37 3.00 12.66 13.79
N GLY C 38 3.80 13.65 13.41
CA GLY C 38 5.13 13.35 12.90
C GLY C 38 5.18 13.34 11.37
N TYR C 39 4.08 13.77 10.75
CA TYR C 39 3.97 13.83 9.28
C TYR C 39 3.40 15.17 8.86
N TYR C 40 3.60 15.52 7.60
CA TYR C 40 3.10 16.77 7.08
C TYR C 40 2.95 16.73 5.55
N LEU C 41 2.14 17.65 5.03
CA LEU C 41 1.89 17.77 3.61
C LEU C 41 2.39 19.12 3.15
N TYR C 42 2.91 19.17 1.92
CA TYR C 42 3.39 20.40 1.35
C TYR C 42 2.23 21.12 0.70
N ARG C 43 2.02 22.36 1.09
CA ARG C 43 0.95 23.13 0.51
C ARG C 43 1.09 23.25 -1.01
N LYS C 44 2.33 23.42 -1.46
CA LYS C 44 2.62 23.60 -2.89
C LYS C 44 2.35 22.39 -3.78
N GLN C 45 2.47 21.19 -3.23
CA GLN C 45 2.28 19.97 -3.99
C GLN C 45 0.83 19.51 -4.12
N ILE C 46 -0.11 20.30 -3.64
CA ILE C 46 -1.50 19.92 -3.77
C ILE C 46 -2.05 20.42 -5.09
N ARG C 47 -2.59 19.52 -5.90
CA ARG C 47 -3.16 19.89 -7.17
C ARG C 47 -4.57 19.30 -7.30
N ILE C 48 -5.51 20.14 -7.72
CA ILE C 48 -6.89 19.72 -7.90
C ILE C 48 -7.28 19.93 -9.37
N THR C 49 -7.74 18.86 -10.02
CA THR C 49 -8.13 18.94 -11.42
C THR C 49 -9.56 18.45 -11.64
N PRO C 50 -10.43 19.35 -12.11
CA PRO C 50 -11.85 19.11 -12.39
C PRO C 50 -12.15 18.20 -13.58
N GLU C 51 -13.23 17.44 -13.47
CA GLU C 51 -13.68 16.53 -14.52
C GLU C 51 -15.20 16.69 -14.66
N HIS C 52 -15.64 17.33 -15.74
CA HIS C 52 -17.07 17.56 -15.99
C HIS C 52 -17.64 18.47 -14.92
N ALA C 53 -16.82 19.39 -14.41
CA ALA C 53 -17.26 20.30 -13.39
C ALA C 53 -16.48 21.60 -13.45
N LYS C 54 -17.02 22.62 -12.79
CA LYS C 54 -16.40 23.93 -12.75
C LYS C 54 -16.22 24.34 -11.29
N ILE C 55 -15.00 24.73 -10.95
CA ILE C 55 -14.68 25.12 -9.59
C ILE C 55 -14.84 26.61 -9.34
N ALA C 56 -15.72 26.96 -8.40
CA ALA C 56 -15.92 28.35 -8.05
C ALA C 56 -14.58 28.84 -7.50
N ASP C 57 -13.97 28.04 -6.62
CA ASP C 57 -12.66 28.35 -6.05
C ASP C 57 -12.18 27.34 -5.01
N VAL C 58 -10.89 27.42 -4.69
CA VAL C 58 -10.23 26.55 -3.74
C VAL C 58 -9.57 27.44 -2.70
N GLN C 59 -9.99 27.31 -1.44
CA GLN C 59 -9.45 28.14 -0.37
C GLN C 59 -8.41 27.44 0.50
N LEU C 60 -7.17 27.42 0.02
CA LEU C 60 -6.08 26.80 0.77
C LEU C 60 -5.91 27.51 2.10
N PRO C 61 -6.01 26.78 3.23
CA PRO C 61 -5.86 27.38 4.56
C PRO C 61 -4.42 27.85 4.71
N GLN C 62 -4.14 28.58 5.78
CA GLN C 62 -2.78 29.04 6.02
C GLN C 62 -2.06 27.93 6.79
N GLY C 63 -0.85 27.59 6.36
CA GLY C 63 -0.09 26.54 7.02
C GLY C 63 1.12 27.08 7.74
N VAL C 64 2.00 26.20 8.21
CA VAL C 64 3.17 26.64 8.94
C VAL C 64 4.48 26.69 8.16
N TRP C 65 5.49 27.28 8.81
CA TRP C 65 6.82 27.48 8.26
C TRP C 65 7.66 26.21 8.26
N HIS C 66 8.21 25.88 7.09
CA HIS C 66 9.06 24.70 6.97
C HIS C 66 10.10 24.97 5.90
N GLU C 67 11.30 24.48 6.13
CA GLU C 67 12.36 24.68 5.16
C GLU C 67 13.04 23.36 4.87
N ASP C 68 13.03 22.95 3.60
CA ASP C 68 13.71 21.71 3.26
C ASP C 68 14.70 22.00 2.12
N GLU C 69 15.76 21.22 2.11
CA GLU C 69 16.85 21.35 1.16
C GLU C 69 16.50 21.45 -0.32
N PHE C 70 15.29 21.05 -0.71
CA PHE C 70 14.94 21.15 -2.12
C PHE C 70 13.94 22.26 -2.44
N TYR C 71 12.70 22.08 -2.01
CA TYR C 71 11.65 23.06 -2.26
C TYR C 71 11.94 24.40 -1.58
N GLY C 72 12.93 24.40 -0.67
CA GLY C 72 13.28 25.61 0.05
C GLY C 72 12.28 25.93 1.14
N LYS C 73 12.07 27.21 1.42
CA LYS C 73 11.12 27.60 2.46
C LYS C 73 9.71 27.31 1.96
N SER C 74 9.08 26.29 2.53
CA SER C 74 7.73 25.92 2.12
C SER C 74 6.73 25.88 3.26
N GLU C 75 5.48 26.10 2.92
CA GLU C 75 4.39 26.09 3.87
C GLU C 75 3.88 24.64 3.96
N ILE C 76 3.75 24.10 5.16
CA ILE C 76 3.28 22.73 5.35
C ILE C 76 2.00 22.64 6.22
N TYR C 77 1.41 21.45 6.27
CA TYR C 77 0.21 21.23 7.07
C TYR C 77 0.39 20.05 8.00
N ARG C 78 0.04 20.24 9.26
CA ARG C 78 0.15 19.20 10.27
C ARG C 78 -1.22 18.95 10.89
N ASP C 79 -1.34 17.82 11.59
CA ASP C 79 -2.55 17.42 12.31
C ASP C 79 -3.78 17.16 11.45
N ARG C 80 -4.19 18.16 10.67
CA ARG C 80 -5.35 18.03 9.82
C ARG C 80 -5.41 19.17 8.84
N LEU C 81 -5.97 18.89 7.67
CA LEU C 81 -6.11 19.88 6.64
C LEU C 81 -7.52 19.77 6.08
N THR C 82 -8.23 20.89 6.11
CA THR C 82 -9.57 20.96 5.57
C THR C 82 -9.46 21.93 4.42
N LEU C 83 -9.76 21.45 3.22
CA LEU C 83 -9.64 22.28 2.04
C LEU C 83 -11.01 22.55 1.45
N PRO C 84 -11.57 23.75 1.69
CA PRO C 84 -12.88 24.11 1.16
C PRO C 84 -12.80 24.28 -0.35
N VAL C 85 -13.75 23.70 -1.07
CA VAL C 85 -13.78 23.80 -2.51
C VAL C 85 -15.23 23.98 -2.92
N THR C 86 -15.54 25.16 -3.43
CA THR C 86 -16.90 25.44 -3.86
C THR C 86 -17.06 25.02 -5.30
N ILE C 87 -18.07 24.20 -5.58
CA ILE C 87 -18.31 23.75 -6.93
C ILE C 87 -19.30 24.67 -7.63
N ASN C 88 -18.88 25.20 -8.77
CA ASN C 88 -19.68 26.10 -9.57
C ASN C 88 -20.79 25.28 -10.21
N GLN C 89 -20.40 24.20 -10.88
CA GLN C 89 -21.32 23.30 -11.57
C GLN C 89 -20.69 21.92 -11.70
N ALA C 90 -21.54 20.90 -11.82
CA ALA C 90 -21.09 19.52 -11.96
C ALA C 90 -22.20 18.62 -12.46
N SER C 91 -21.93 17.90 -13.55
CA SER C 91 -22.91 16.99 -14.11
C SER C 91 -22.68 15.64 -13.49
N ALA C 92 -23.55 14.68 -13.82
CA ALA C 92 -23.43 13.33 -13.29
C ALA C 92 -22.08 12.77 -13.70
N GLY C 93 -21.49 11.97 -12.83
CA GLY C 93 -20.19 11.39 -13.14
C GLY C 93 -19.01 12.35 -13.03
N ALA C 94 -19.26 13.60 -12.67
CA ALA C 94 -18.16 14.54 -12.53
C ALA C 94 -17.20 14.05 -11.42
N THR C 95 -15.96 14.50 -11.49
CA THR C 95 -14.97 14.10 -10.49
C THR C 95 -13.89 15.14 -10.37
N LEU C 96 -13.10 15.01 -9.31
CA LEU C 96 -11.96 15.86 -9.07
C LEU C 96 -10.79 14.91 -8.82
N THR C 97 -9.65 15.20 -9.44
CA THR C 97 -8.47 14.40 -9.25
C THR C 97 -7.61 15.24 -8.33
N VAL C 98 -7.35 14.73 -7.12
CA VAL C 98 -6.55 15.43 -6.13
C VAL C 98 -5.20 14.76 -5.91
N THR C 99 -4.11 15.48 -6.15
CA THR C 99 -2.78 14.91 -5.96
C THR C 99 -2.08 15.64 -4.84
N TYR C 100 -1.29 14.93 -4.06
CA TYR C 100 -0.59 15.55 -2.95
C TYR C 100 0.66 14.80 -2.56
N GLN C 101 1.53 15.48 -1.83
CA GLN C 101 2.76 14.88 -1.39
C GLN C 101 3.04 15.30 0.04
N GLY C 102 3.53 14.34 0.79
CA GLY C 102 3.84 14.59 2.18
C GLY C 102 5.13 13.92 2.58
N ALA C 103 5.51 14.10 3.82
CA ALA C 103 6.75 13.54 4.31
C ALA C 103 6.67 13.33 5.82
N ALA C 104 7.75 12.83 6.41
CA ALA C 104 7.77 12.58 7.85
C ALA C 104 9.02 13.20 8.50
N ASP C 105 8.80 13.86 9.64
CA ASP C 105 9.86 14.53 10.41
C ASP C 105 11.08 13.64 10.63
N ALA C 106 10.83 12.37 10.88
CA ALA C 106 11.90 11.42 11.13
C ALA C 106 12.81 11.20 9.93
N GLY C 107 12.60 11.97 8.86
CA GLY C 107 13.44 11.88 7.68
C GLY C 107 12.99 10.93 6.60
N PHE C 108 11.84 11.21 5.99
CA PHE C 108 11.31 10.33 4.97
C PHE C 108 10.37 11.09 4.05
N CYS C 109 10.55 10.93 2.74
CA CYS C 109 9.65 11.57 1.78
C CYS C 109 8.90 10.48 1.07
N TYR C 110 7.59 10.67 0.97
CA TYR C 110 6.73 9.71 0.30
C TYR C 110 6.54 10.12 -1.13
N PRO C 111 6.13 9.16 -1.98
CA PRO C 111 5.87 9.43 -3.40
C PRO C 111 4.56 10.22 -3.45
N PRO C 112 4.27 10.92 -4.55
CA PRO C 112 3.01 11.67 -4.61
C PRO C 112 1.82 10.70 -4.55
N GLU C 113 0.68 11.17 -4.08
CA GLU C 113 -0.53 10.35 -4.00
C GLU C 113 -1.59 11.00 -4.85
N THR C 114 -2.48 10.19 -5.42
CA THR C 114 -3.57 10.71 -6.22
C THR C 114 -4.88 10.03 -5.84
N LYS C 115 -5.90 10.84 -5.61
CA LYS C 115 -7.22 10.33 -5.26
C LYS C 115 -8.22 10.91 -6.25
N THR C 116 -9.29 10.17 -6.51
CA THR C 116 -10.32 10.65 -7.40
C THR C 116 -11.56 10.86 -6.56
N VAL C 117 -12.14 12.05 -6.64
CA VAL C 117 -13.34 12.36 -5.86
C VAL C 117 -14.59 12.38 -6.73
N PRO C 118 -15.55 11.49 -6.45
CA PRO C 118 -16.80 11.44 -7.22
C PRO C 118 -17.75 12.54 -6.77
N LEU C 119 -17.99 13.53 -7.63
CA LEU C 119 -18.88 14.62 -7.24
C LEU C 119 -20.35 14.28 -7.51
N SER C 120 -21.24 14.95 -6.79
CA SER C 120 -22.69 14.79 -6.99
C SER C 120 -23.08 15.94 -7.91
N GLU C 121 -24.01 15.70 -8.82
CA GLU C 121 -24.47 16.75 -9.75
C GLU C 121 -24.78 18.07 -9.03
N VAL C 122 -24.44 19.21 -9.65
CA VAL C 122 -24.67 20.56 -9.06
C VAL C 122 -24.85 21.71 -10.15
N VAL C 123 -26.04 22.34 -10.26
CA VAL C 123 -26.56 23.37 -11.30
C VAL C 123 -26.26 24.94 -11.73
N ALA C 124 -26.74 25.42 -12.95
CA ALA C 124 -26.58 26.84 -13.39
C ALA C 124 -27.24 27.97 -14.12
N ASN C 125 -28.38 27.94 -14.85
CA ASN C 125 -29.06 29.29 -15.29
C ASN C 125 -29.02 30.22 -16.57
#